data_3T38
#
_entry.id   3T38
#
_cell.length_a   41.800
_cell.length_b   75.500
_cell.length_c   58.100
_cell.angle_alpha   90.00
_cell.angle_beta   100.50
_cell.angle_gamma   90.00
#
_symmetry.space_group_name_H-M   'P 1 21 1'
#
loop_
_entity.id
_entity.type
_entity.pdbx_description
1 polymer 'Arsenate Reductase'
2 non-polymer (4S,5S)-1,2-DITHIANE-4,5-DIOL
3 water water
#
_entity_poly.entity_id   1
_entity_poly.type   'polypeptide(L)'
_entity_poly.pdbx_seq_one_letter_code
;(MSE)TGQAAPNLHTNILNRIANELALTYQGVFSAETINRYIFESYVSLARTAKIHTHLPILAEGFAKDRLHALAVAEGK
VASPVPQVLFICVHNAGRSQIASALLSHYAGSSVEVRSAGSLPASEIHPLVLEILSERGVNISDAFPKPLTDDVIRASDY
VIT(MSE)GCGDVCP(MSE)YPGKHYLDWELADPSDEGEDKIQEIIEEIDGRIRELWKSIQLSQN
;
_entity_poly.pdbx_strand_id   A,B
#
loop_
_chem_comp.id
_chem_comp.type
_chem_comp.name
_chem_comp.formula
D1D non-polymer (4S,5S)-1,2-DITHIANE-4,5-DIOL 'C4 H8 O2 S2'
#
# COMPACT_ATOMS: atom_id res chain seq x y z
N LEU A 9 17.82 2.43 13.59
CA LEU A 9 16.88 1.28 13.61
C LEU A 9 16.85 0.71 12.15
N HIS A 10 15.62 0.41 11.68
CA HIS A 10 15.41 -0.52 10.55
C HIS A 10 15.89 -0.06 9.21
N THR A 11 15.99 1.25 9.04
CA THR A 11 16.49 1.89 7.79
C THR A 11 17.78 1.28 7.26
N ASN A 12 18.72 1.03 8.16
CA ASN A 12 19.98 0.46 7.77
C ASN A 12 19.85 -1.01 7.40
N ILE A 13 19.04 -1.74 8.15
CA ILE A 13 18.77 -3.13 7.83
C ILE A 13 18.14 -3.24 6.45
N LEU A 14 17.07 -2.47 6.24
CA LEU A 14 16.36 -2.34 4.94
C LEU A 14 17.35 -2.00 3.80
N ASN A 15 18.28 -1.08 4.06
CA ASN A 15 19.29 -0.79 3.05
C ASN A 15 20.08 -2.04 2.66
N ARG A 16 20.43 -2.88 3.65
CA ARG A 16 21.21 -4.10 3.40
C ARG A 16 20.46 -5.11 2.53
N ILE A 17 19.19 -5.34 2.85
CA ILE A 17 18.24 -6.15 2.07
C ILE A 17 18.01 -5.64 0.63
N ALA A 18 17.88 -4.34 0.43
CA ALA A 18 17.78 -3.80 -0.93
C ALA A 18 19.05 -4.06 -1.78
N ASN A 19 20.22 -3.92 -1.16
CA ASN A 19 21.50 -4.13 -1.87
C ASN A 19 21.51 -5.56 -2.37
N GLU A 20 21.36 -6.48 -1.44
CA GLU A 20 21.25 -7.90 -1.75
C GLU A 20 20.20 -8.24 -2.81
N LEU A 21 19.02 -7.62 -2.74
CA LEU A 21 17.97 -7.88 -3.70
C LEU A 21 18.30 -7.24 -5.05
N ALA A 22 18.87 -6.03 -5.02
CA ALA A 22 19.37 -5.38 -6.22
C ALA A 22 20.18 -6.41 -6.98
N LEU A 23 21.09 -7.08 -6.29
CA LEU A 23 22.08 -7.91 -7.00
C LEU A 23 21.44 -9.21 -7.47
N THR A 24 20.39 -9.65 -6.76
CA THR A 24 19.70 -10.89 -7.08
C THR A 24 18.84 -10.73 -8.32
N TYR A 25 18.14 -9.61 -8.40
CA TYR A 25 17.31 -9.24 -9.52
C TYR A 25 17.98 -8.36 -10.58
N GLN A 26 19.29 -8.50 -10.70
CA GLN A 26 20.09 -7.75 -11.66
C GLN A 26 19.88 -8.36 -13.04
N GLY A 27 19.61 -7.52 -14.03
CA GLY A 27 19.28 -7.98 -15.38
C GLY A 27 17.77 -8.09 -15.55
N VAL A 28 17.05 -8.20 -14.44
CA VAL A 28 15.60 -8.42 -14.49
C VAL A 28 14.77 -7.14 -14.22
N PHE A 29 15.02 -6.53 -13.08
CA PHE A 29 14.40 -5.26 -12.75
C PHE A 29 15.46 -4.26 -12.42
N SER A 30 15.18 -3.00 -12.75
CA SER A 30 15.91 -1.82 -12.25
C SER A 30 16.04 -1.86 -10.74
N ALA A 31 17.28 -1.62 -10.31
CA ALA A 31 17.67 -1.36 -8.92
C ALA A 31 16.75 -0.34 -8.25
N GLU A 32 16.35 0.70 -8.97
CA GLU A 32 15.41 1.69 -8.44
C GLU A 32 14.09 1.01 -8.09
N THR A 33 13.61 0.12 -8.97
CA THR A 33 12.37 -0.62 -8.66
C THR A 33 12.56 -1.54 -7.44
N ILE A 34 13.64 -2.31 -7.44
CA ILE A 34 14.02 -3.19 -6.35
C ILE A 34 14.13 -2.48 -5.01
N ASN A 35 14.88 -1.37 -4.96
CA ASN A 35 14.89 -0.56 -3.75
C ASN A 35 13.49 -0.07 -3.28
N ARG A 36 12.62 0.40 -4.18
CA ARG A 36 11.26 0.79 -3.73
C ARG A 36 10.50 -0.36 -3.21
N TYR A 37 10.73 -1.53 -3.80
CA TYR A 37 10.01 -2.72 -3.39
C TYR A 37 10.18 -3.00 -1.93
N ILE A 38 11.41 -2.94 -1.49
CA ILE A 38 11.60 -3.23 -0.07
C ILE A 38 11.12 -2.13 0.90
N PHE A 39 11.43 -0.87 0.62
CA PHE A 39 11.05 0.18 1.55
C PHE A 39 9.53 0.44 1.52
N GLU A 40 8.91 0.34 0.33
CA GLU A 40 7.48 0.53 0.21
C GLU A 40 6.77 -0.63 0.87
N SER A 41 7.29 -1.84 0.70
CA SER A 41 6.68 -2.96 1.39
C SER A 41 6.69 -2.86 2.92
N TYR A 42 7.84 -2.44 3.45
CA TYR A 42 8.02 -2.14 4.87
C TYR A 42 6.99 -1.15 5.40
N VAL A 43 6.87 -0.03 4.70
CA VAL A 43 5.96 1.02 5.07
C VAL A 43 4.55 0.56 4.96
N SER A 44 4.22 -0.13 3.87
CA SER A 44 2.89 -0.78 3.76
C SER A 44 2.51 -1.61 4.98
N LEU A 45 3.43 -2.49 5.38
CA LEU A 45 3.10 -3.34 6.53
C LEU A 45 3.06 -2.55 7.80
N ALA A 46 3.95 -1.53 7.90
CA ALA A 46 4.02 -0.75 9.12
C ALA A 46 2.69 -0.06 9.39
N ARG A 47 1.98 0.30 8.33
CA ARG A 47 0.71 1.05 8.47
C ARG A 47 -0.32 0.31 9.31
N THR A 48 -0.35 -1.02 9.15
CA THR A 48 -1.41 -1.84 9.78
C THR A 48 -0.88 -2.63 10.93
N ALA A 49 0.40 -2.99 10.88
CA ALA A 49 1.00 -3.90 11.85
C ALA A 49 1.73 -3.12 12.90
N LYS A 50 2.12 -1.88 12.60
CA LYS A 50 2.97 -1.02 13.46
C LYS A 50 4.46 -1.46 13.35
N ILE A 51 5.38 -0.56 13.69
CA ILE A 51 6.80 -0.90 13.81
C ILE A 51 7.00 -1.87 14.98
N HIS A 52 7.37 -3.10 14.65
CA HIS A 52 7.85 -3.98 15.66
C HIS A 52 9.15 -4.53 15.16
N THR A 53 9.86 -5.20 16.06
CA THR A 53 11.23 -5.54 15.81
C THR A 53 11.38 -6.50 14.61
N HIS A 54 10.33 -7.28 14.28
CA HIS A 54 10.34 -8.17 13.10
C HIS A 54 9.71 -7.66 11.80
N LEU A 55 9.34 -6.39 11.75
CA LEU A 55 8.80 -5.82 10.55
C LEU A 55 9.81 -5.96 9.38
N PRO A 56 11.13 -5.79 9.64
CA PRO A 56 12.00 -5.95 8.48
C PRO A 56 11.92 -7.32 7.84
N ILE A 57 11.70 -8.37 8.63
CA ILE A 57 11.68 -9.73 8.15
C ILE A 57 10.44 -10.01 7.31
N LEU A 58 9.26 -9.62 7.80
CA LEU A 58 8.03 -9.77 7.05
C LEU A 58 8.09 -8.90 5.77
N ALA A 59 8.70 -7.73 5.88
CA ALA A 59 8.82 -6.85 4.67
C ALA A 59 9.65 -7.51 3.57
N GLU A 60 10.78 -8.11 3.96
CA GLU A 60 11.67 -8.84 3.05
C GLU A 60 10.95 -10.03 2.40
N GLY A 61 10.17 -10.76 3.19
CA GLY A 61 9.37 -11.87 2.65
C GLY A 61 8.31 -11.41 1.65
N PHE A 62 7.51 -10.44 2.07
CA PHE A 62 6.54 -9.75 1.20
C PHE A 62 7.14 -9.14 -0.08
N ALA A 63 8.21 -8.37 0.04
CA ALA A 63 8.90 -7.89 -1.16
C ALA A 63 9.35 -8.99 -2.06
N LYS A 64 10.03 -10.01 -1.54
CA LYS A 64 10.53 -11.13 -2.34
C LYS A 64 9.37 -11.88 -3.05
N ASP A 65 8.24 -12.04 -2.35
CA ASP A 65 7.12 -12.68 -3.00
C ASP A 65 6.58 -11.78 -4.08
N ARG A 66 6.52 -10.48 -3.81
CA ARG A 66 6.03 -9.50 -4.79
C ARG A 66 6.90 -9.39 -6.06
N LEU A 67 8.20 -9.36 -5.86
CA LEU A 67 9.11 -9.36 -7.02
C LEU A 67 8.97 -10.60 -7.87
N HIS A 68 8.79 -11.77 -7.25
CA HIS A 68 8.54 -13.03 -7.98
C HIS A 68 7.22 -12.94 -8.74
N ALA A 69 6.14 -12.52 -8.08
CA ALA A 69 4.90 -12.26 -8.77
C ALA A 69 5.14 -11.36 -10.01
N LEU A 70 5.85 -10.25 -9.85
CA LEU A 70 6.09 -9.36 -10.99
C LEU A 70 6.91 -10.01 -12.13
N ALA A 71 7.92 -10.79 -11.75
CA ALA A 71 8.72 -11.58 -12.70
C ALA A 71 7.81 -12.49 -13.54
N VAL A 72 6.84 -13.10 -12.86
CA VAL A 72 5.91 -14.03 -13.51
C VAL A 72 4.97 -13.25 -14.43
N ALA A 73 4.34 -12.22 -13.88
CA ALA A 73 3.44 -11.35 -14.64
C ALA A 73 4.07 -10.96 -15.97
N GLU A 74 5.38 -10.74 -15.96
CA GLU A 74 6.12 -10.27 -17.15
C GLU A 74 6.89 -11.36 -17.92
N GLY A 75 6.56 -12.60 -17.60
CA GLY A 75 7.14 -13.77 -18.24
C GLY A 75 8.65 -13.88 -18.11
N LYS A 76 9.18 -13.54 -16.94
CA LYS A 76 10.61 -13.63 -16.65
C LYS A 76 10.95 -14.90 -15.87
N VAL A 77 9.96 -15.76 -15.65
CA VAL A 77 10.11 -17.01 -14.91
C VAL A 77 9.58 -18.15 -15.80
N ALA A 78 10.44 -19.11 -16.14
CA ALA A 78 10.03 -20.22 -17.02
C ALA A 78 9.17 -21.29 -16.32
N SER A 79 8.23 -21.87 -17.07
CA SER A 79 7.32 -22.96 -16.60
C SER A 79 6.56 -22.66 -15.32
N PRO A 80 5.98 -21.46 -15.21
CA PRO A 80 5.34 -21.30 -13.94
C PRO A 80 4.12 -22.24 -13.74
N VAL A 81 3.96 -22.70 -12.52
CA VAL A 81 2.75 -23.41 -12.12
C VAL A 81 1.62 -22.38 -12.09
N PRO A 82 0.36 -22.81 -12.11
CA PRO A 82 -0.76 -21.88 -11.88
C PRO A 82 -0.58 -21.05 -10.65
N GLN A 83 -1.02 -19.81 -10.72
CA GLN A 83 -0.84 -18.80 -9.68
C GLN A 83 -2.24 -18.39 -9.23
N VAL A 84 -2.53 -18.52 -7.95
CA VAL A 84 -3.87 -18.23 -7.43
C VAL A 84 -3.79 -17.18 -6.34
N LEU A 85 -4.77 -16.26 -6.32
CA LEU A 85 -4.82 -15.23 -5.35
C LEU A 85 -6.20 -15.18 -4.66
N PHE A 86 -6.21 -15.15 -3.32
CA PHE A 86 -7.46 -14.95 -2.54
C PHE A 86 -7.43 -13.58 -1.89
N ILE A 87 -8.58 -12.91 -1.84
CA ILE A 87 -8.67 -11.52 -1.39
C ILE A 87 -9.91 -11.42 -0.52
N CYS A 88 -9.78 -10.92 0.73
CA CYS A 88 -10.94 -10.66 1.66
C CYS A 88 -10.60 -9.34 2.34
N VAL A 89 -11.38 -8.93 3.34
CA VAL A 89 -11.17 -7.58 3.85
C VAL A 89 -9.85 -7.44 4.63
N HIS A 90 -9.64 -8.28 5.64
CA HIS A 90 -8.59 -8.09 6.63
C HIS A 90 -7.41 -8.99 6.42
N ASN A 91 -7.51 -9.90 5.47
CA ASN A 91 -6.46 -10.85 5.16
C ASN A 91 -6.03 -11.52 6.48
N ALA A 92 -7.00 -11.70 7.38
CA ALA A 92 -6.76 -12.39 8.60
C ALA A 92 -7.56 -13.66 8.79
N GLY A 93 -8.62 -13.86 8.00
CA GLY A 93 -9.52 -15.01 8.15
C GLY A 93 -9.69 -15.69 6.82
N ARG A 94 -10.85 -15.44 6.19
CA ARG A 94 -11.24 -16.01 4.87
C ARG A 94 -10.10 -16.27 3.86
N SER A 95 -9.34 -15.23 3.49
CA SER A 95 -8.30 -15.43 2.45
C SER A 95 -7.12 -16.25 2.94
N GLN A 96 -6.86 -16.22 4.21
CA GLN A 96 -5.77 -17.00 4.80
C GLN A 96 -6.13 -18.46 4.91
N ILE A 97 -7.37 -18.74 5.28
CA ILE A 97 -7.93 -20.06 5.29
C ILE A 97 -7.91 -20.63 3.89
N ALA A 98 -8.42 -19.86 2.91
CA ALA A 98 -8.53 -20.38 1.57
C ALA A 98 -7.12 -20.68 1.04
N SER A 99 -6.21 -19.75 1.27
CA SER A 99 -4.89 -19.89 0.75
C SER A 99 -4.17 -21.10 1.33
N ALA A 100 -4.31 -21.32 2.65
CA ALA A 100 -3.60 -22.40 3.31
C ALA A 100 -4.20 -23.76 2.95
N LEU A 101 -5.50 -23.81 2.69
CA LEU A 101 -6.16 -25.07 2.33
C LEU A 101 -5.67 -25.43 0.92
N LEU A 102 -5.65 -24.46 0.01
CA LEU A 102 -5.19 -24.82 -1.36
C LEU A 102 -3.72 -25.26 -1.37
N SER A 103 -2.85 -24.59 -0.65
CA SER A 103 -1.44 -25.04 -0.59
C SER A 103 -1.33 -26.44 -0.02
N HIS A 104 -2.18 -26.72 0.96
CA HIS A 104 -2.21 -28.00 1.66
C HIS A 104 -2.62 -29.16 0.70
N TYR A 105 -3.65 -28.96 -0.13
CA TYR A 105 -4.01 -30.00 -1.15
C TYR A 105 -3.01 -30.01 -2.27
N ALA A 106 -2.53 -28.87 -2.72
CA ALA A 106 -1.82 -28.77 -4.02
C ALA A 106 -0.30 -28.82 -3.89
N GLY A 107 0.25 -28.37 -2.76
CA GLY A 107 1.70 -28.30 -2.56
C GLY A 107 2.35 -27.40 -3.61
N SER A 108 3.46 -27.86 -4.19
CA SER A 108 4.23 -27.22 -5.27
C SER A 108 3.55 -27.05 -6.60
N SER A 109 2.44 -27.76 -6.82
CA SER A 109 1.66 -27.65 -8.07
C SER A 109 0.99 -26.31 -8.30
N VAL A 110 0.81 -25.48 -7.27
CA VAL A 110 0.39 -24.10 -7.50
C VAL A 110 1.20 -23.11 -6.63
N GLU A 111 1.27 -21.85 -7.05
CA GLU A 111 1.70 -20.77 -6.19
C GLU A 111 0.46 -20.05 -5.64
N VAL A 112 0.29 -20.01 -4.34
CA VAL A 112 -0.96 -19.42 -3.80
C VAL A 112 -0.60 -18.15 -3.03
N ARG A 113 -1.41 -17.08 -3.19
CA ARG A 113 -1.22 -15.82 -2.47
C ARG A 113 -2.48 -15.37 -1.85
N SER A 114 -2.35 -14.55 -0.80
CA SER A 114 -3.53 -13.84 -0.29
C SER A 114 -3.28 -12.35 0.02
N ALA A 115 -4.35 -11.56 0.22
CA ALA A 115 -4.15 -10.17 0.52
C ALA A 115 -5.45 -9.60 0.99
N GLY A 116 -5.38 -8.38 1.54
CA GLY A 116 -6.53 -7.73 2.11
C GLY A 116 -6.66 -6.32 1.54
N SER A 117 -7.90 -5.83 1.49
CA SER A 117 -8.13 -4.42 1.24
C SER A 117 -7.73 -3.59 2.50
N LEU A 118 -8.00 -4.14 3.69
CA LEU A 118 -7.76 -3.36 4.91
C LEU A 118 -7.12 -4.29 5.97
N PRO A 119 -5.85 -4.65 5.75
CA PRO A 119 -5.23 -5.67 6.60
C PRO A 119 -5.38 -5.44 8.09
N ALA A 120 -5.66 -6.49 8.84
CA ALA A 120 -5.47 -6.47 10.27
C ALA A 120 -3.97 -6.52 10.59
N SER A 121 -3.64 -6.51 11.88
CA SER A 121 -2.27 -6.52 12.28
C SER A 121 -1.71 -7.92 12.37
N GLU A 122 -2.60 -8.89 12.50
CA GLU A 122 -2.24 -10.31 12.59
C GLU A 122 -3.39 -11.23 12.16
N ILE A 123 -3.04 -12.45 11.82
CA ILE A 123 -4.02 -13.47 11.50
C ILE A 123 -4.95 -13.64 12.74
N HIS A 124 -6.22 -13.94 12.50
CA HIS A 124 -7.14 -14.28 13.58
C HIS A 124 -6.57 -15.52 14.32
N PRO A 125 -6.37 -15.42 15.64
CA PRO A 125 -5.84 -16.50 16.46
C PRO A 125 -6.59 -17.81 16.36
N LEU A 126 -7.92 -17.76 16.28
CA LEU A 126 -8.74 -18.96 16.06
C LEU A 126 -8.51 -19.63 14.69
N VAL A 127 -8.30 -18.84 13.65
CA VAL A 127 -7.84 -19.41 12.38
C VAL A 127 -6.55 -20.24 12.58
N LEU A 128 -5.57 -19.63 13.18
CA LEU A 128 -4.33 -20.30 13.49
C LEU A 128 -4.58 -21.60 14.26
N GLU A 129 -5.32 -21.51 15.37
CA GLU A 129 -5.60 -22.69 16.19
C GLU A 129 -6.36 -23.81 15.44
N ILE A 130 -7.46 -23.48 14.72
CA ILE A 130 -8.27 -24.50 14.03
C ILE A 130 -7.50 -25.18 12.90
N LEU A 131 -6.82 -24.39 12.07
CA LEU A 131 -6.01 -24.94 10.97
C LEU A 131 -4.94 -25.83 11.57
N SER A 132 -4.25 -25.31 12.58
CA SER A 132 -3.31 -26.13 13.36
C SER A 132 -3.86 -27.47 13.87
N GLU A 133 -5.09 -27.48 14.41
CA GLU A 133 -5.71 -28.68 15.02
C GLU A 133 -5.98 -29.79 14.04
N ARG A 134 -5.98 -29.46 12.76
CA ARG A 134 -6.30 -30.42 11.72
C ARG A 134 -5.14 -30.52 10.77
N GLY A 135 -3.95 -30.15 11.26
CA GLY A 135 -2.71 -30.36 10.56
C GLY A 135 -2.53 -29.58 9.28
N VAL A 136 -2.99 -28.33 9.24
CA VAL A 136 -2.75 -27.52 8.05
C VAL A 136 -1.74 -26.43 8.42
N ASN A 137 -0.60 -26.45 7.73
CA ASN A 137 0.45 -25.47 7.89
C ASN A 137 0.02 -24.05 7.48
N ILE A 138 0.32 -23.09 8.37
CA ILE A 138 -0.23 -21.73 8.30
C ILE A 138 0.75 -20.76 8.99
N SER A 139 2.00 -21.20 9.13
CA SER A 139 2.89 -20.56 10.10
C SER A 139 3.49 -19.20 9.70
N ASP A 140 4.12 -19.12 8.53
CA ASP A 140 4.67 -17.81 8.10
C ASP A 140 3.67 -16.89 7.37
N ALA A 141 2.42 -16.95 7.79
CA ALA A 141 1.37 -16.19 7.12
C ALA A 141 1.24 -14.87 7.86
N PHE A 142 0.83 -13.82 7.18
CA PHE A 142 0.66 -12.50 7.85
C PHE A 142 -0.28 -11.70 6.99
N PRO A 143 -1.04 -10.76 7.58
CA PRO A 143 -1.96 -9.97 6.72
C PRO A 143 -1.19 -8.97 5.93
N LYS A 144 -1.60 -8.68 4.70
CA LYS A 144 -0.81 -7.77 3.84
C LYS A 144 -1.78 -7.12 2.90
N PRO A 145 -1.49 -5.89 2.44
CA PRO A 145 -2.45 -5.31 1.50
C PRO A 145 -2.36 -5.89 0.10
N LEU A 146 -3.50 -5.88 -0.58
CA LEU A 146 -3.53 -6.11 -2.01
C LEU A 146 -2.58 -5.22 -2.80
N THR A 147 -1.85 -5.79 -3.71
CA THR A 147 -0.94 -4.99 -4.55
C THR A 147 -1.13 -5.48 -5.99
N ASP A 148 -0.77 -4.66 -6.95
CA ASP A 148 -1.07 -4.91 -8.34
C ASP A 148 -0.20 -6.03 -8.88
N ASP A 149 1.07 -6.10 -8.48
CA ASP A 149 1.95 -7.12 -9.05
C ASP A 149 1.33 -8.53 -8.88
N VAL A 150 0.75 -8.83 -7.71
CA VAL A 150 0.20 -10.17 -7.48
C VAL A 150 -1.09 -10.47 -8.23
N ILE A 151 -1.84 -9.42 -8.59
CA ILE A 151 -2.97 -9.60 -9.42
C ILE A 151 -2.50 -9.95 -10.81
N ARG A 152 -1.52 -9.22 -11.32
CA ARG A 152 -0.99 -9.44 -12.70
C ARG A 152 -0.42 -10.85 -12.86
N ALA A 153 0.19 -11.35 -11.79
CA ALA A 153 0.83 -12.66 -11.89
C ALA A 153 -0.27 -13.74 -11.90
N SER A 154 -1.45 -13.48 -11.31
CA SER A 154 -2.36 -14.52 -10.95
C SER A 154 -3.11 -15.09 -12.20
N ASP A 155 -3.31 -16.41 -12.25
CA ASP A 155 -4.22 -17.04 -13.26
C ASP A 155 -5.67 -17.11 -12.73
N TYR A 156 -5.83 -17.16 -11.40
CA TYR A 156 -7.15 -17.19 -10.73
C TYR A 156 -7.15 -16.12 -9.67
N VAL A 157 -8.20 -15.30 -9.59
CA VAL A 157 -8.28 -14.29 -8.54
C VAL A 157 -9.61 -14.52 -7.89
N ILE A 158 -9.60 -14.83 -6.59
CA ILE A 158 -10.83 -15.21 -5.87
C ILE A 158 -11.10 -14.19 -4.81
N THR A 159 -12.27 -13.62 -4.92
CA THR A 159 -12.77 -12.54 -4.12
C THR A 159 -13.70 -13.05 -3.02
N MSE A 160 -13.53 -12.55 -1.79
CA MSE A 160 -14.28 -13.06 -0.64
C MSE A 160 -14.83 -11.91 0.27
O MSE A 160 -14.57 -11.87 1.49
CB MSE A 160 -13.38 -14.03 0.15
CG MSE A 160 -12.49 -14.87 -0.76
SE MSE A 160 -11.42 -16.19 0.24
CE MSE A 160 -12.85 -17.30 1.01
N GLY A 161 -15.54 -10.97 -0.35
CA GLY A 161 -16.16 -9.89 0.37
C GLY A 161 -15.33 -8.63 0.49
N CYS A 162 -14.27 -8.50 -0.33
CA CYS A 162 -13.42 -7.29 -0.27
C CYS A 162 -14.09 -6.06 -0.90
N GLY A 163 -15.15 -6.27 -1.69
CA GLY A 163 -15.78 -5.16 -2.41
C GLY A 163 -14.99 -5.00 -3.71
N ASP A 164 -15.42 -4.01 -4.50
CA ASP A 164 -14.82 -3.73 -5.81
C ASP A 164 -13.50 -2.97 -5.62
N VAL A 165 -12.44 -3.68 -5.21
CA VAL A 165 -11.12 -3.05 -5.00
C VAL A 165 -10.05 -3.59 -5.98
N CYS A 166 -10.45 -4.54 -6.81
CA CYS A 166 -9.48 -5.31 -7.53
C CYS A 166 -9.59 -5.03 -9.01
N PRO A 167 -8.52 -4.52 -9.66
CA PRO A 167 -8.68 -4.27 -11.11
C PRO A 167 -8.90 -5.56 -11.90
N MSE A 168 -9.67 -5.42 -12.96
CA MSE A 168 -10.12 -6.53 -13.77
C MSE A 168 -9.25 -6.79 -15.02
O MSE A 168 -9.62 -6.39 -16.09
CB MSE A 168 -11.53 -6.20 -14.22
CG MSE A 168 -12.48 -7.32 -14.07
SE MSE A 168 -12.67 -7.95 -12.22
CE MSE A 168 -14.48 -7.19 -11.90
N TYR A 169 -8.11 -7.49 -14.88
CA TYR A 169 -7.24 -7.78 -16.04
C TYR A 169 -7.74 -8.95 -16.88
N PRO A 170 -7.65 -8.83 -18.22
CA PRO A 170 -7.91 -10.00 -19.11
C PRO A 170 -6.85 -11.08 -18.96
N GLY A 171 -7.19 -12.31 -19.33
CA GLY A 171 -6.26 -13.43 -19.34
C GLY A 171 -6.35 -14.22 -18.05
N LYS A 172 -7.44 -14.03 -17.29
CA LYS A 172 -7.55 -14.53 -15.94
C LYS A 172 -8.97 -14.99 -15.56
N HIS A 173 -9.03 -15.97 -14.64
CA HIS A 173 -10.29 -16.39 -14.00
C HIS A 173 -10.63 -15.62 -12.74
N TYR A 174 -11.58 -14.72 -12.83
CA TYR A 174 -12.13 -14.04 -11.66
C TYR A 174 -13.34 -14.81 -11.11
N LEU A 175 -13.19 -15.26 -9.88
CA LEU A 175 -14.19 -15.99 -9.15
C LEU A 175 -14.61 -15.14 -7.93
N ASP A 176 -15.90 -15.14 -7.61
CA ASP A 176 -16.47 -14.43 -6.46
C ASP A 176 -17.16 -15.42 -5.50
N TRP A 177 -16.59 -15.59 -4.30
CA TRP A 177 -17.07 -16.58 -3.34
C TRP A 177 -17.88 -15.96 -2.18
N GLU A 178 -18.46 -14.79 -2.38
CA GLU A 178 -19.33 -14.20 -1.37
C GLU A 178 -20.34 -13.26 -2.02
N LEU A 179 -21.20 -13.78 -2.88
CA LEU A 179 -22.15 -12.93 -3.61
C LEU A 179 -23.26 -12.34 -2.71
N GLU A 185 -27.06 -11.79 6.16
CA GLU A 185 -26.60 -10.90 7.25
C GLU A 185 -25.61 -11.56 8.22
N GLY A 186 -24.49 -10.89 8.47
CA GLY A 186 -23.53 -11.32 9.45
C GLY A 186 -22.75 -12.45 8.84
N GLU A 187 -22.23 -13.36 9.68
CA GLU A 187 -21.43 -14.49 9.21
C GLU A 187 -21.57 -15.66 10.19
N ASP A 188 -21.02 -16.82 9.80
CA ASP A 188 -21.06 -18.04 10.62
C ASP A 188 -19.87 -18.08 11.62
N LYS A 189 -19.85 -19.08 12.53
CA LYS A 189 -18.71 -19.31 13.46
C LYS A 189 -17.42 -19.53 12.64
N ILE A 190 -16.24 -19.16 13.16
CA ILE A 190 -14.98 -19.38 12.41
C ILE A 190 -14.86 -20.85 11.92
N GLN A 191 -15.16 -21.76 12.83
CA GLN A 191 -15.41 -23.18 12.59
C GLN A 191 -16.12 -23.48 11.26
N GLU A 192 -17.30 -22.88 11.06
CA GLU A 192 -18.16 -23.14 9.91
C GLU A 192 -17.66 -22.53 8.61
N ILE A 193 -17.15 -21.32 8.71
CA ILE A 193 -16.49 -20.66 7.58
C ILE A 193 -15.31 -21.54 7.05
N ILE A 194 -14.50 -22.12 7.94
CA ILE A 194 -13.41 -23.00 7.51
C ILE A 194 -13.96 -24.18 6.71
N GLU A 195 -15.06 -24.76 7.18
CA GLU A 195 -15.74 -25.89 6.50
C GLU A 195 -16.32 -25.49 5.18
N GLU A 196 -16.97 -24.34 5.11
CA GLU A 196 -17.54 -23.92 3.82
C GLU A 196 -16.41 -23.62 2.82
N ILE A 197 -15.35 -22.96 3.27
CA ILE A 197 -14.30 -22.64 2.39
C ILE A 197 -13.57 -23.91 1.89
N ASP A 198 -13.30 -24.86 2.79
CA ASP A 198 -12.71 -26.14 2.43
C ASP A 198 -13.49 -26.84 1.32
N GLY A 199 -14.81 -27.01 1.50
CA GLY A 199 -15.63 -27.49 0.40
C GLY A 199 -15.40 -26.80 -0.95
N ARG A 200 -15.22 -25.47 -0.93
CA ARG A 200 -15.05 -24.71 -2.17
C ARG A 200 -13.61 -24.87 -2.72
N ILE A 201 -12.64 -24.97 -1.81
CA ILE A 201 -11.25 -25.15 -2.18
C ILE A 201 -11.09 -26.52 -2.85
N ARG A 202 -11.76 -27.55 -2.33
CA ARG A 202 -11.71 -28.87 -2.97
C ARG A 202 -12.15 -28.88 -4.43
N GLU A 203 -13.25 -28.19 -4.72
CA GLU A 203 -13.76 -28.12 -6.10
C GLU A 203 -12.84 -27.29 -6.95
N LEU A 204 -12.29 -26.22 -6.39
CA LEU A 204 -11.42 -25.37 -7.12
C LEU A 204 -10.16 -26.15 -7.51
N TRP A 205 -9.56 -26.89 -6.57
CA TRP A 205 -8.38 -27.72 -6.83
C TRP A 205 -8.64 -28.85 -7.84
N LYS A 206 -9.77 -29.55 -7.69
CA LYS A 206 -10.18 -30.50 -8.72
C LYS A 206 -10.24 -29.79 -10.06
N SER A 207 -10.87 -28.61 -10.08
CA SER A 207 -11.03 -27.91 -11.36
C SER A 207 -9.70 -27.44 -11.99
N ILE A 208 -8.82 -26.87 -11.16
CA ILE A 208 -7.50 -26.50 -11.58
C ILE A 208 -6.71 -27.65 -12.18
N GLN A 209 -6.62 -28.79 -11.46
CA GLN A 209 -5.97 -29.99 -11.97
C GLN A 209 -6.44 -30.44 -13.33
N LEU A 210 -7.75 -30.49 -13.51
CA LEU A 210 -8.35 -30.80 -14.80
C LEU A 210 -8.00 -29.76 -15.87
N SER A 211 -8.16 -28.47 -15.58
CA SER A 211 -8.00 -27.46 -16.61
C SER A 211 -6.56 -27.32 -17.16
N GLN A 212 -5.52 -27.71 -16.39
CA GLN A 212 -4.12 -27.90 -16.90
C GLN A 212 -3.93 -29.24 -17.58
N LEU B 9 -10.97 -1.72 -17.15
CA LEU B 9 -11.81 -0.55 -16.92
C LEU B 9 -10.99 0.72 -17.02
N HIS B 10 -9.86 0.77 -16.30
CA HIS B 10 -8.97 1.91 -16.32
C HIS B 10 -7.58 1.59 -16.83
N THR B 11 -7.37 0.38 -17.30
CA THR B 11 -6.07 -0.05 -17.77
C THR B 11 -5.52 0.90 -18.80
N ASN B 12 -6.32 1.21 -19.82
CA ASN B 12 -5.87 2.08 -20.91
C ASN B 12 -5.41 3.46 -20.45
N ILE B 13 -6.20 4.15 -19.62
CA ILE B 13 -5.80 5.49 -19.16
C ILE B 13 -4.58 5.44 -18.24
N LEU B 14 -4.48 4.37 -17.48
CA LEU B 14 -3.33 4.26 -16.60
C LEU B 14 -2.09 4.09 -17.47
N ASN B 15 -2.21 3.27 -18.53
CA ASN B 15 -1.13 3.05 -19.50
C ASN B 15 -0.73 4.37 -20.15
N ARG B 16 -1.72 5.12 -20.65
CA ARG B 16 -1.45 6.40 -21.26
C ARG B 16 -0.84 7.38 -20.22
N ILE B 17 -1.35 7.38 -18.99
CA ILE B 17 -0.80 8.20 -17.89
C ILE B 17 0.68 7.86 -17.59
N ALA B 18 0.96 6.58 -17.45
CA ALA B 18 2.29 6.07 -17.28
C ALA B 18 3.21 6.54 -18.39
N ASN B 19 2.80 6.35 -19.66
CA ASN B 19 3.56 6.86 -20.81
C ASN B 19 3.92 8.34 -20.61
N GLU B 20 2.94 9.16 -20.22
CA GLU B 20 3.17 10.62 -20.08
C GLU B 20 4.10 10.97 -18.91
N LEU B 21 3.84 10.36 -17.74
CA LEU B 21 4.79 10.44 -16.64
C LEU B 21 6.18 9.92 -16.97
N ALA B 22 6.31 8.79 -17.67
CA ALA B 22 7.64 8.29 -18.10
C ALA B 22 8.48 9.30 -18.93
N LEU B 23 7.83 9.98 -19.87
CA LEU B 23 8.43 11.08 -20.65
C LEU B 23 8.92 12.22 -19.77
N THR B 24 8.03 12.72 -18.91
CA THR B 24 8.34 13.74 -17.90
C THR B 24 9.57 13.43 -17.06
N TYR B 25 9.73 12.16 -16.66
CA TYR B 25 10.86 11.78 -15.78
C TYR B 25 12.00 11.08 -16.54
N GLN B 26 12.17 11.44 -17.81
CA GLN B 26 13.00 10.62 -18.70
C GLN B 26 14.41 10.26 -18.19
N GLY B 27 15.26 11.23 -17.94
CA GLY B 27 16.59 10.88 -17.46
C GLY B 27 16.69 10.62 -15.96
N VAL B 28 15.56 10.54 -15.27
CA VAL B 28 15.54 10.44 -13.80
C VAL B 28 15.08 9.11 -13.20
N PHE B 29 14.01 8.51 -13.73
CA PHE B 29 13.58 7.16 -13.36
C PHE B 29 13.22 6.44 -14.64
N SER B 30 13.53 5.14 -14.73
CA SER B 30 13.10 4.32 -15.87
C SER B 30 11.57 4.25 -15.97
N ALA B 31 11.08 4.03 -17.20
CA ALA B 31 9.69 3.70 -17.51
C ALA B 31 9.13 2.54 -16.63
N GLU B 32 9.96 1.53 -16.37
CA GLU B 32 9.57 0.42 -15.51
C GLU B 32 9.08 0.93 -14.14
N THR B 33 9.93 1.68 -13.43
CA THR B 33 9.58 2.27 -12.15
C THR B 33 8.35 3.14 -12.22
N ILE B 34 8.27 3.98 -13.24
CA ILE B 34 7.11 4.80 -13.49
C ILE B 34 5.85 3.97 -13.64
N ASN B 35 5.86 2.92 -14.47
CA ASN B 35 4.74 2.01 -14.62
C ASN B 35 4.33 1.49 -13.26
N ARG B 36 5.31 1.00 -12.49
CA ARG B 36 4.93 0.41 -11.23
C ARG B 36 4.26 1.42 -10.32
N TYR B 37 4.86 2.62 -10.18
CA TYR B 37 4.26 3.73 -9.42
C TYR B 37 2.78 4.00 -9.70
N ILE B 38 2.43 4.02 -10.99
CA ILE B 38 1.08 4.34 -11.37
C ILE B 38 0.09 3.19 -11.06
N PHE B 39 0.47 1.98 -11.44
CA PHE B 39 -0.41 0.85 -11.15
C PHE B 39 -0.54 0.54 -9.65
N GLU B 40 0.56 0.64 -8.90
CA GLU B 40 0.49 0.36 -7.45
C GLU B 40 -0.30 1.43 -6.67
N SER B 41 -0.15 2.72 -7.09
CA SER B 41 -0.87 3.83 -6.47
C SER B 41 -2.35 3.67 -6.70
N TYR B 42 -2.68 3.25 -7.91
CA TYR B 42 -4.06 2.96 -8.29
C TYR B 42 -4.65 1.89 -7.38
N VAL B 43 -4.00 0.74 -7.27
CA VAL B 43 -4.50 -0.35 -6.44
C VAL B 43 -4.48 0.04 -4.99
N SER B 44 -3.50 0.82 -4.62
CA SER B 44 -3.34 1.19 -3.24
C SER B 44 -4.51 2.04 -2.77
N LEU B 45 -4.90 3.02 -3.58
CA LEU B 45 -6.04 3.84 -3.28
C LEU B 45 -7.38 3.09 -3.47
N ALA B 46 -7.52 2.30 -4.55
CA ALA B 46 -8.70 1.40 -4.66
C ALA B 46 -9.02 0.64 -3.36
N ARG B 47 -7.99 0.17 -2.64
CA ARG B 47 -8.22 -0.60 -1.40
C ARG B 47 -9.15 0.16 -0.42
N THR B 48 -8.99 1.48 -0.33
CA THR B 48 -9.80 2.22 0.66
C THR B 48 -10.91 3.08 0.07
N ALA B 49 -10.70 3.58 -1.15
CA ALA B 49 -11.71 4.39 -1.87
C ALA B 49 -12.63 3.54 -2.76
N LYS B 50 -12.26 2.27 -3.02
CA LYS B 50 -12.95 1.39 -4.01
C LYS B 50 -12.71 1.92 -5.43
N ILE B 51 -12.87 1.05 -6.43
CA ILE B 51 -12.79 1.45 -7.84
C ILE B 51 -13.97 2.34 -8.15
N HIS B 52 -13.64 3.57 -8.50
CA HIS B 52 -14.63 4.47 -8.99
C HIS B 52 -14.06 5.30 -10.13
N THR B 53 -14.90 6.20 -10.56
CA THR B 53 -14.75 6.87 -11.81
C THR B 53 -13.70 8.00 -11.68
N HIS B 54 -13.55 8.57 -10.47
CA HIS B 54 -12.54 9.61 -10.15
C HIS B 54 -11.16 9.02 -9.79
N LEU B 55 -11.10 7.70 -9.58
CA LEU B 55 -9.90 7.06 -9.12
C LEU B 55 -8.63 7.32 -9.98
N PRO B 56 -8.71 7.15 -11.31
CA PRO B 56 -7.52 7.46 -12.15
C PRO B 56 -6.98 8.90 -11.99
N ILE B 57 -7.85 9.87 -11.73
CA ILE B 57 -7.36 11.20 -11.36
C ILE B 57 -6.54 11.10 -10.06
N LEU B 58 -7.13 10.49 -9.02
CA LEU B 58 -6.48 10.41 -7.72
C LEU B 58 -5.22 9.57 -7.82
N ALA B 59 -5.27 8.47 -8.57
CA ALA B 59 -4.04 7.66 -8.73
C ALA B 59 -2.89 8.43 -9.38
N GLU B 60 -3.21 9.25 -10.38
CA GLU B 60 -2.19 10.05 -11.04
C GLU B 60 -1.66 11.17 -10.17
N GLY B 61 -2.50 11.85 -9.40
CA GLY B 61 -2.00 12.91 -8.55
C GLY B 61 -1.06 12.35 -7.45
N PHE B 62 -1.50 11.25 -6.84
CA PHE B 62 -0.72 10.53 -5.81
C PHE B 62 0.63 10.04 -6.40
N ALA B 63 0.60 9.31 -7.52
CA ALA B 63 1.84 8.84 -8.13
C ALA B 63 2.80 10.00 -8.45
N LYS B 64 2.26 11.08 -9.01
CA LYS B 64 3.03 12.25 -9.42
C LYS B 64 3.69 12.91 -8.22
N ASP B 65 2.93 13.13 -7.15
CA ASP B 65 3.52 13.70 -5.94
C ASP B 65 4.53 12.72 -5.30
N ARG B 66 4.22 11.41 -5.28
CA ARG B 66 5.17 10.44 -4.74
C ARG B 66 6.50 10.42 -5.57
N LEU B 67 6.41 10.47 -6.89
CA LEU B 67 7.64 10.52 -7.71
C LEU B 67 8.53 11.72 -7.47
N HIS B 68 7.93 12.88 -7.27
CA HIS B 68 8.69 14.12 -7.10
C HIS B 68 9.40 14.05 -5.72
N ALA B 69 8.70 13.55 -4.71
CA ALA B 69 9.31 13.25 -3.40
C ALA B 69 10.45 12.26 -3.54
N LEU B 70 10.29 11.20 -4.31
CA LEU B 70 11.38 10.26 -4.50
C LEU B 70 12.59 10.96 -5.18
N ALA B 71 12.30 11.78 -6.21
CA ALA B 71 13.35 12.54 -6.92
C ALA B 71 14.02 13.49 -5.94
N VAL B 72 13.22 14.12 -5.06
CA VAL B 72 13.78 14.98 -4.01
C VAL B 72 14.72 14.15 -3.12
N ALA B 73 14.18 13.08 -2.55
CA ALA B 73 14.93 12.23 -1.63
C ALA B 73 16.28 11.79 -2.24
N GLU B 74 16.28 11.43 -3.52
CA GLU B 74 17.45 10.86 -4.19
C GLU B 74 18.38 11.95 -4.70
N GLY B 75 18.10 13.20 -4.32
CA GLY B 75 18.91 14.34 -4.77
C GLY B 75 18.87 14.53 -6.29
N LYS B 76 17.74 14.17 -6.91
CA LYS B 76 17.59 14.31 -8.36
C LYS B 76 16.98 15.65 -8.80
N VAL B 77 16.51 16.45 -7.84
CA VAL B 77 15.87 17.74 -8.06
C VAL B 77 16.72 18.95 -7.61
N PRO B 80 15.18 23.25 -4.38
CA PRO B 80 14.31 22.35 -3.62
C PRO B 80 14.10 22.92 -2.21
N VAL B 81 12.85 23.24 -1.92
CA VAL B 81 12.48 23.97 -0.73
C VAL B 81 12.30 22.96 0.43
N PRO B 82 12.01 23.44 1.64
CA PRO B 82 11.76 22.46 2.69
C PRO B 82 10.49 21.68 2.44
N GLN B 83 10.49 20.44 2.91
CA GLN B 83 9.52 19.43 2.58
C GLN B 83 8.93 18.99 3.89
N VAL B 84 7.61 19.08 4.05
CA VAL B 84 6.97 18.79 5.35
C VAL B 84 5.92 17.72 5.14
N LEU B 85 5.86 16.73 6.05
CA LEU B 85 4.84 15.68 6.00
C LEU B 85 4.00 15.58 7.29
N PHE B 86 2.68 15.56 7.18
CA PHE B 86 1.73 15.35 8.31
C PHE B 86 1.03 14.00 8.21
N ILE B 87 1.06 13.21 9.28
CA ILE B 87 0.49 11.87 9.31
C ILE B 87 -0.60 11.83 10.44
N CYS B 88 -1.80 11.40 10.11
CA CYS B 88 -2.81 11.08 11.13
C CYS B 88 -3.39 9.72 10.69
N VAL B 89 -4.43 9.23 11.33
CA VAL B 89 -4.83 7.84 11.07
C VAL B 89 -5.59 7.71 9.76
N HIS B 90 -6.63 8.50 9.63
CA HIS B 90 -7.53 8.43 8.50
C HIS B 90 -7.19 9.35 7.40
N ASN B 91 -6.44 10.43 7.66
CA ASN B 91 -6.00 11.37 6.59
C ASN B 91 -7.23 11.92 5.88
N ALA B 92 -8.22 12.22 6.71
CA ALA B 92 -9.50 12.73 6.34
C ALA B 92 -9.73 14.06 7.06
N GLY B 93 -9.26 14.17 8.31
CA GLY B 93 -9.42 15.36 9.14
C GLY B 93 -8.12 16.06 9.46
N ARG B 94 -7.65 15.86 10.69
CA ARG B 94 -6.34 16.37 11.18
C ARG B 94 -5.22 16.66 10.19
N SER B 95 -4.71 15.64 9.49
CA SER B 95 -3.46 15.84 8.74
C SER B 95 -3.81 16.65 7.52
N GLN B 96 -5.09 16.61 7.12
CA GLN B 96 -5.56 17.36 5.94
C GLN B 96 -5.65 18.83 6.22
N ILE B 97 -6.23 19.14 7.38
CA ILE B 97 -6.29 20.50 7.85
C ILE B 97 -4.84 21.04 7.96
N ALA B 98 -3.97 20.29 8.64
CA ALA B 98 -2.63 20.77 9.00
C ALA B 98 -1.82 21.07 7.73
N SER B 99 -1.90 20.15 6.77
CA SER B 99 -1.28 20.34 5.46
C SER B 99 -1.86 21.57 4.68
N ALA B 100 -3.17 21.82 4.80
CA ALA B 100 -3.85 22.89 4.04
C ALA B 100 -3.43 24.22 4.61
N LEU B 101 -3.47 24.32 5.94
CA LEU B 101 -3.05 25.52 6.64
C LEU B 101 -1.57 25.82 6.42
N LEU B 102 -0.70 24.81 6.39
CA LEU B 102 0.71 25.16 6.25
C LEU B 102 0.97 25.79 4.88
N SER B 103 0.49 25.13 3.83
CA SER B 103 0.69 25.58 2.47
C SER B 103 -0.01 26.95 2.23
N HIS B 104 -1.07 27.22 3.00
CA HIS B 104 -1.77 28.49 3.03
C HIS B 104 -0.81 29.60 3.49
N TYR B 105 -0.21 29.41 4.66
CA TYR B 105 0.69 30.37 5.27
C TYR B 105 2.01 30.45 4.56
N ALA B 106 2.51 29.34 4.04
CA ALA B 106 3.90 29.30 3.57
C ALA B 106 4.03 29.54 2.08
N GLY B 107 2.91 29.47 1.36
CA GLY B 107 2.93 29.54 -0.10
C GLY B 107 3.85 28.48 -0.67
N SER B 108 4.65 28.83 -1.64
CA SER B 108 5.47 27.82 -2.27
C SER B 108 6.88 27.81 -1.68
N SER B 109 7.05 28.41 -0.49
CA SER B 109 8.32 28.30 0.21
C SER B 109 8.54 26.93 0.90
N VAL B 110 7.50 26.10 1.01
CA VAL B 110 7.62 24.71 1.49
C VAL B 110 6.83 23.81 0.52
N GLU B 111 7.08 22.49 0.53
CA GLU B 111 6.22 21.56 -0.17
C GLU B 111 5.63 20.72 0.93
N VAL B 112 4.31 20.57 0.94
CA VAL B 112 3.61 20.02 2.09
C VAL B 112 2.77 18.88 1.53
N ARG B 113 2.79 17.73 2.23
CA ARG B 113 2.06 16.53 1.88
C ARG B 113 1.36 16.00 3.13
N SER B 114 0.44 15.09 2.96
CA SER B 114 -0.17 14.42 4.13
C SER B 114 -0.51 12.96 3.80
N ALA B 115 -0.74 12.14 4.81
CA ALA B 115 -1.05 10.71 4.61
C ALA B 115 -1.66 10.08 5.86
N GLY B 116 -2.27 8.90 5.69
CA GLY B 116 -2.84 8.14 6.82
C GLY B 116 -2.29 6.72 6.98
N SER B 117 -2.45 6.16 8.15
CA SER B 117 -2.04 4.77 8.35
C SER B 117 -3.21 3.89 7.90
N LEU B 118 -4.45 4.37 8.14
CA LEU B 118 -5.69 3.68 7.81
C LEU B 118 -6.67 4.66 7.13
N PRO B 119 -6.44 4.92 5.85
CA PRO B 119 -7.11 6.01 5.14
C PRO B 119 -8.59 5.80 5.01
N ALA B 120 -9.38 6.87 5.24
CA ALA B 120 -10.83 6.82 5.00
C ALA B 120 -11.10 6.86 3.48
N SER B 121 -12.35 6.68 3.07
CA SER B 121 -12.71 6.74 1.64
C SER B 121 -12.87 8.18 1.14
N GLU B 122 -12.94 9.15 2.05
CA GLU B 122 -13.14 10.53 1.66
C GLU B 122 -12.73 11.47 2.78
N ILE B 123 -12.49 12.74 2.41
CA ILE B 123 -12.28 13.81 3.39
C ILE B 123 -13.55 13.94 4.25
N HIS B 124 -13.37 14.34 5.52
CA HIS B 124 -14.53 14.58 6.40
C HIS B 124 -15.40 15.73 5.84
N PRO B 125 -16.72 15.49 5.64
CA PRO B 125 -17.62 16.57 5.19
C PRO B 125 -17.27 18.02 5.64
N LEU B 126 -16.87 18.23 6.90
CA LEU B 126 -16.72 19.59 7.45
C LEU B 126 -15.43 20.33 7.02
N VAL B 127 -14.35 19.56 6.83
CA VAL B 127 -13.03 20.11 6.47
C VAL B 127 -13.15 21.00 5.24
N LEU B 128 -13.78 20.47 4.20
CA LEU B 128 -14.16 21.26 3.02
C LEU B 128 -15.67 21.49 3.07
N GLU B 129 -16.10 22.72 3.47
CA GLU B 129 -15.15 23.82 3.72
C GLU B 129 -15.45 24.84 4.83
N ILE B 130 -15.22 24.44 6.08
CA ILE B 130 -14.78 25.40 7.09
C ILE B 130 -13.55 26.10 6.50
N LEU B 131 -12.78 25.37 5.70
CA LEU B 131 -11.54 25.88 5.11
C LEU B 131 -11.69 27.05 4.13
N SER B 132 -12.56 26.93 3.12
CA SER B 132 -12.76 28.07 2.18
C SER B 132 -13.37 29.26 2.88
N GLU B 133 -14.25 28.97 3.81
CA GLU B 133 -14.83 29.93 4.73
C GLU B 133 -13.76 30.70 5.54
N ARG B 134 -12.52 30.21 5.53
CA ARG B 134 -11.38 30.94 6.10
C ARG B 134 -10.40 31.35 4.99
N GLY B 135 -10.87 31.23 3.74
CA GLY B 135 -10.10 31.63 2.57
C GLY B 135 -9.08 30.60 2.15
N VAL B 136 -9.06 29.49 2.88
CA VAL B 136 -8.00 28.49 2.76
C VAL B 136 -8.30 27.54 1.61
N ASN B 137 -7.35 27.49 0.69
CA ASN B 137 -7.36 26.53 -0.41
C ASN B 137 -7.23 25.06 0.01
N ILE B 138 -8.14 24.23 -0.50
CA ILE B 138 -8.04 22.78 -0.36
C ILE B 138 -8.64 22.11 -1.60
N SER B 139 -7.90 22.20 -2.69
CA SER B 139 -8.34 21.57 -3.92
C SER B 139 -7.53 20.31 -4.14
N ASP B 140 -8.18 19.31 -4.72
CA ASP B 140 -7.51 18.06 -5.09
C ASP B 140 -6.93 17.35 -3.84
N ALA B 141 -7.75 17.35 -2.77
CA ALA B 141 -7.42 16.70 -1.53
C ALA B 141 -8.12 15.35 -1.44
N PHE B 142 -7.37 14.32 -1.03
CA PHE B 142 -7.94 13.00 -0.89
C PHE B 142 -7.22 12.25 0.22
N PRO B 143 -7.89 11.29 0.90
CA PRO B 143 -7.14 10.44 1.82
C PRO B 143 -6.20 9.50 1.07
N LYS B 144 -4.98 9.33 1.58
CA LYS B 144 -3.98 8.47 0.89
C LYS B 144 -3.08 7.69 1.90
N PRO B 145 -2.58 6.50 1.53
CA PRO B 145 -1.76 5.82 2.54
C PRO B 145 -0.43 6.43 2.67
N LEU B 146 0.11 6.37 3.86
CA LEU B 146 1.52 6.65 4.08
C LEU B 146 2.42 5.77 3.19
N THR B 147 3.41 6.39 2.54
CA THR B 147 4.35 5.66 1.71
C THR B 147 5.78 6.05 2.07
N ASP B 148 6.75 5.25 1.63
CA ASP B 148 8.11 5.49 2.07
C ASP B 148 8.64 6.75 1.43
N ASP B 149 8.34 6.97 0.16
CA ASP B 149 9.01 7.99 -0.64
C ASP B 149 8.76 9.38 -0.02
N VAL B 150 7.52 9.65 0.36
CA VAL B 150 7.21 10.91 0.98
C VAL B 150 7.90 11.09 2.32
N ILE B 151 8.14 10.02 3.08
CA ILE B 151 8.94 10.15 4.30
C ILE B 151 10.39 10.52 3.98
N ARG B 152 11.02 9.82 3.03
CA ARG B 152 12.42 10.04 2.65
C ARG B 152 12.69 11.46 2.21
N ALA B 153 11.71 12.00 1.50
CA ALA B 153 11.72 13.37 1.01
C ALA B 153 11.66 14.41 2.14
N SER B 154 10.93 14.12 3.24
CA SER B 154 10.59 15.12 4.22
C SER B 154 11.82 15.54 5.09
N ASP B 155 11.94 16.85 5.31
CA ASP B 155 12.83 17.44 6.28
C ASP B 155 12.13 17.44 7.65
N TYR B 156 10.79 17.44 7.66
CA TYR B 156 9.96 17.54 8.89
C TYR B 156 8.77 16.58 8.74
N VAL B 157 8.55 15.76 9.78
CA VAL B 157 7.47 14.79 9.84
C VAL B 157 6.67 14.99 11.15
N ILE B 158 5.39 15.36 11.03
CA ILE B 158 4.51 15.66 12.19
C ILE B 158 3.46 14.55 12.24
N THR B 159 3.51 13.73 13.29
CA THR B 159 2.61 12.60 13.39
C THR B 159 1.53 13.11 14.32
N MSE B 160 0.29 12.73 14.09
CA MSE B 160 -0.80 13.34 14.83
C MSE B 160 -1.78 12.25 15.25
O MSE B 160 -2.90 12.18 14.73
CB MSE B 160 -1.51 14.40 13.96
CG MSE B 160 -0.60 15.28 13.11
SE MSE B 160 -1.65 16.51 12.01
CE MSE B 160 -2.45 17.61 13.41
N GLY B 161 -1.36 11.38 16.16
CA GLY B 161 -2.20 10.29 16.67
C GLY B 161 -2.14 8.97 15.91
N CYS B 162 -1.26 8.84 14.93
CA CYS B 162 -1.16 7.57 14.19
C CYS B 162 -0.37 6.48 14.95
N GLY B 163 0.37 6.85 15.99
CA GLY B 163 1.23 5.88 16.63
C GLY B 163 2.42 5.52 15.75
N ASP B 164 3.06 4.40 16.07
CA ASP B 164 4.35 4.05 15.49
C ASP B 164 4.21 3.33 14.14
N VAL B 165 4.00 4.14 13.10
CA VAL B 165 3.85 3.64 11.72
C VAL B 165 4.94 4.20 10.80
N CYS B 166 5.78 5.07 11.36
CA CYS B 166 6.69 5.79 10.53
C CYS B 166 8.15 5.38 10.79
N PRO B 167 8.83 4.83 9.75
CA PRO B 167 10.30 4.54 9.82
C PRO B 167 11.06 5.79 10.26
N MSE B 168 11.96 5.63 11.22
CA MSE B 168 12.76 6.74 11.70
C MSE B 168 14.01 6.81 10.82
O MSE B 168 14.95 6.02 10.97
CB MSE B 168 13.16 6.51 13.15
CG MSE B 168 12.02 6.51 14.18
SE MSE B 168 10.85 8.10 14.09
CE MSE B 168 10.45 8.19 16.03
N TYR B 169 14.00 7.77 9.89
CA TYR B 169 15.19 8.08 9.10
C TYR B 169 15.93 9.16 9.85
N PRO B 170 17.27 8.98 9.96
CA PRO B 170 18.17 10.02 10.46
C PRO B 170 18.17 11.22 9.53
N GLY B 171 18.38 12.41 10.11
CA GLY B 171 18.52 13.65 9.36
C GLY B 171 17.21 14.41 9.21
N LYS B 172 16.21 14.03 10.00
CA LYS B 172 14.88 14.64 9.89
C LYS B 172 14.39 15.07 11.25
N HIS B 173 13.45 16.01 11.26
CA HIS B 173 12.86 16.51 12.49
C HIS B 173 11.50 15.85 12.63
N TYR B 174 11.35 15.02 13.68
CA TYR B 174 10.09 14.28 13.89
C TYR B 174 9.36 14.96 15.01
N LEU B 175 8.11 15.36 14.76
CA LEU B 175 7.38 16.05 15.79
C LEU B 175 6.09 15.28 16.04
N ASP B 176 5.71 15.16 17.30
CA ASP B 176 4.45 14.51 17.65
C ASP B 176 3.45 15.54 18.22
N TRP B 177 2.26 15.62 17.60
CA TRP B 177 1.21 16.56 18.00
C TRP B 177 -0.03 15.87 18.59
N GLU B 178 -0.14 15.91 19.91
CA GLU B 178 -1.31 15.34 20.55
C GLU B 178 -2.29 16.45 20.84
N LEU B 179 -3.50 16.34 20.32
CA LEU B 179 -4.43 17.50 20.37
C LEU B 179 -5.35 17.55 21.57
N GLU B 192 -13.34 23.86 14.94
CA GLU B 192 -13.51 22.78 15.89
C GLU B 192 -12.17 22.44 16.56
N ILE B 193 -11.25 21.85 15.77
CA ILE B 193 -9.89 21.46 16.15
C ILE B 193 -8.94 22.15 15.17
N ILE B 194 -9.58 22.87 14.26
CA ILE B 194 -8.90 23.68 13.27
C ILE B 194 -8.19 24.81 14.03
N GLU B 195 -8.84 25.33 15.09
CA GLU B 195 -8.29 26.35 16.01
C GLU B 195 -6.88 26.04 16.54
N GLU B 196 -6.79 25.01 17.38
CA GLU B 196 -5.50 24.59 17.92
C GLU B 196 -4.50 24.34 16.81
N ILE B 197 -4.92 23.60 15.78
CA ILE B 197 -4.01 23.28 14.68
C ILE B 197 -3.43 24.56 14.11
N ASP B 198 -4.32 25.56 13.90
CA ASP B 198 -3.94 26.87 13.34
C ASP B 198 -2.74 27.48 14.06
N GLY B 199 -2.94 27.82 15.36
CA GLY B 199 -1.86 28.07 16.32
C GLY B 199 -0.56 27.31 16.03
N ARG B 200 -0.61 25.96 16.08
CA ARG B 200 0.58 25.13 15.95
C ARG B 200 1.23 25.19 14.54
N ILE B 201 0.40 25.33 13.50
CA ILE B 201 0.93 25.49 12.16
C ILE B 201 1.65 26.83 11.95
N ARG B 202 1.12 27.90 12.52
CA ARG B 202 1.78 29.22 12.45
C ARG B 202 3.14 29.22 13.14
N GLU B 203 3.21 28.63 14.33
CA GLU B 203 4.48 28.46 15.05
C GLU B 203 5.44 27.61 14.26
N LEU B 204 4.93 26.50 13.73
CA LEU B 204 5.72 25.58 12.94
C LEU B 204 6.37 26.31 11.75
N TRP B 205 5.53 27.00 10.99
CA TRP B 205 6.00 27.73 9.84
C TRP B 205 7.06 28.82 10.23
N LYS B 206 6.77 29.55 11.30
CA LYS B 206 7.69 30.54 11.83
C LYS B 206 9.04 29.88 12.04
N SER B 207 9.00 28.73 12.69
CA SER B 207 10.18 27.99 13.03
C SER B 207 10.93 27.40 11.83
N ILE B 208 10.17 26.78 10.91
CA ILE B 208 10.73 26.30 9.65
C ILE B 208 11.41 27.42 8.89
N GLN B 209 10.71 28.53 8.74
CA GLN B 209 11.19 29.66 7.96
C GLN B 209 12.50 30.20 8.52
N LEU B 210 12.60 30.13 9.85
CA LEU B 210 13.72 30.65 10.58
C LEU B 210 14.94 29.74 10.55
N SER B 211 14.74 28.43 10.50
CA SER B 211 15.86 27.49 10.45
C SER B 211 16.71 27.44 9.14
N GLN B 212 16.28 28.13 8.07
CA GLN B 212 17.04 28.16 6.77
C GLN B 212 18.38 28.88 6.84
S1 D1D C . 5.02 1.44 -4.93
C1 D1D C . 6.19 2.12 -6.16
C2 D1D C . 6.61 1.00 -7.04
O2 D1D C . 7.65 1.46 -7.81
C3 D1D C . 7.35 -0.01 -6.21
O3 D1D C . 8.30 -0.45 -7.05
C4 D1D C . 6.58 -1.23 -5.75
S4 D1D C . 5.53 -0.72 -4.35
#